data_2AN3
#
_entry.id   2AN3
#
_cell.length_a   93.780
_cell.length_b   93.780
_cell.length_c   187.120
_cell.angle_alpha   90.00
_cell.angle_beta   90.00
_cell.angle_gamma   90.00
#
_symmetry.space_group_name_H-M   'P 43 21 2'
#
loop_
_entity.id
_entity.type
_entity.pdbx_description
1 polymer 'Phenylethanolamine N-methyltransferase'
2 non-polymer S-ADENOSYL-L-HOMOCYSTEINE
3 non-polymer CIS-(1R,2S)-2-AMINO-1,2,3,4-TETRAHYDRONAPHTHALEN-1-OL
4 water water
#
_entity_poly.entity_id   1
_entity_poly.type   'polypeptide(L)'
_entity_poly.pdbx_seq_one_letter_code
;MSGADRSPNAGAAPDSAPGQAAVASAYQRFEPRAYLRNNYAPPRGDLCNPNGVGPWKLRCLAQTFATGEVSGRTLIDIGS
GPTVYQLLSACSHFEDITMTDFLEVNRQELGRWLQEEPGAFNWSMYSQHACLIEGKGECWQDKERQLRARVKRVLPIDVH
QPQPLGAGSPAPLPADALVSAFCLEAVSPDLASFQRALDHITTLLRPGGHLLLIGALEESWYLAGEARLTVVPVSEEEVR
EALVRSGYKVRDLRTYIMPAHLQTGVDDVKGVFFAWAQKVGLEHHHHHH
;
_entity_poly.pdbx_strand_id   A,B
#
# COMPACT_ATOMS: atom_id res chain seq x y z
N VAL A 23 -12.48 36.91 -11.81
CA VAL A 23 -11.89 35.64 -11.31
C VAL A 23 -11.46 35.79 -9.85
N ALA A 24 -10.46 36.64 -9.62
CA ALA A 24 -9.94 36.88 -8.27
C ALA A 24 -11.08 37.06 -7.28
N SER A 25 -12.17 37.66 -7.77
CA SER A 25 -13.35 37.90 -6.95
C SER A 25 -14.08 36.58 -6.66
N ALA A 26 -14.25 35.77 -7.70
CA ALA A 26 -14.92 34.48 -7.56
C ALA A 26 -14.21 33.56 -6.58
N TYR A 27 -12.88 33.46 -6.69
CA TYR A 27 -12.14 32.58 -5.79
C TYR A 27 -12.24 32.96 -4.32
N GLN A 28 -12.83 34.11 -4.02
CA GLN A 28 -12.97 34.53 -2.64
C GLN A 28 -13.91 33.62 -1.87
N ARG A 29 -14.76 32.91 -2.60
CA ARG A 29 -15.70 31.99 -1.96
C ARG A 29 -15.24 30.54 -2.10
N PHE A 30 -14.05 30.36 -2.64
CA PHE A 30 -13.47 29.02 -2.83
C PHE A 30 -13.34 28.29 -1.50
N GLU A 31 -13.98 27.13 -1.39
CA GLU A 31 -13.93 26.32 -0.16
C GLU A 31 -13.05 25.09 -0.36
N PRO A 32 -11.82 25.12 0.18
CA PRO A 32 -10.92 23.97 0.02
C PRO A 32 -11.51 22.60 0.37
N ARG A 33 -12.25 22.52 1.48
CA ARG A 33 -12.81 21.25 1.88
C ARG A 33 -13.81 20.71 0.85
N ALA A 34 -14.59 21.60 0.26
CA ALA A 34 -15.57 21.18 -0.73
C ALA A 34 -14.86 20.83 -2.04
N TYR A 35 -13.77 21.53 -2.32
CA TYR A 35 -12.98 21.26 -3.52
C TYR A 35 -12.38 19.85 -3.40
N LEU A 36 -11.66 19.60 -2.31
CA LEU A 36 -11.04 18.30 -2.09
C LEU A 36 -12.07 17.17 -2.20
N ARG A 37 -13.23 17.39 -1.59
CA ARG A 37 -14.31 16.42 -1.59
C ARG A 37 -14.86 16.18 -3.00
N ASN A 38 -14.93 17.23 -3.80
CA ASN A 38 -15.45 17.13 -5.16
C ASN A 38 -14.54 16.44 -6.15
N ASN A 39 -13.23 16.58 -5.95
CA ASN A 39 -12.28 16.01 -6.89
C ASN A 39 -11.29 14.97 -6.37
N TYR A 40 -11.20 14.83 -5.05
CA TYR A 40 -10.24 13.87 -4.53
C TYR A 40 -10.80 12.90 -3.49
N ALA A 41 -12.11 12.75 -3.52
CA ALA A 41 -12.84 11.84 -2.65
C ALA A 41 -13.66 10.98 -3.61
N PRO A 42 -14.09 9.79 -3.20
CA PRO A 42 -14.87 8.97 -4.13
C PRO A 42 -15.99 9.77 -4.81
N PRO A 43 -16.32 9.45 -6.08
CA PRO A 43 -15.74 8.41 -6.95
C PRO A 43 -14.39 8.74 -7.59
N ARG A 44 -14.13 10.01 -7.87
CA ARG A 44 -12.86 10.38 -8.50
C ARG A 44 -11.70 10.06 -7.57
N GLY A 45 -11.98 10.10 -6.27
CA GLY A 45 -10.96 9.82 -5.27
C GLY A 45 -10.80 8.36 -4.95
N ASP A 46 -11.57 7.50 -5.64
CA ASP A 46 -11.47 6.07 -5.45
C ASP A 46 -10.44 5.59 -6.46
N LEU A 47 -9.22 5.35 -5.99
CA LEU A 47 -8.13 4.94 -6.86
C LEU A 47 -8.04 3.46 -7.18
N CYS A 48 -8.98 2.66 -6.69
CA CYS A 48 -8.97 1.23 -6.95
C CYS A 48 -9.16 0.87 -8.42
N ASN A 49 -9.94 1.68 -9.14
CA ASN A 49 -10.17 1.40 -10.56
C ASN A 49 -9.09 2.08 -11.39
N PRO A 50 -8.23 1.29 -12.03
CA PRO A 50 -7.13 1.78 -12.87
C PRO A 50 -7.57 2.69 -14.00
N ASN A 51 -8.85 2.66 -14.33
CA ASN A 51 -9.35 3.51 -15.41
C ASN A 51 -9.85 4.87 -14.96
N GLY A 52 -9.55 5.25 -13.72
CA GLY A 52 -9.99 6.53 -13.22
C GLY A 52 -9.03 7.67 -13.53
N VAL A 53 -9.48 8.90 -13.29
CA VAL A 53 -8.67 10.07 -13.57
C VAL A 53 -7.49 10.20 -12.61
N GLY A 54 -7.66 9.74 -11.37
CA GLY A 54 -6.59 9.81 -10.39
C GLY A 54 -5.43 8.91 -10.80
N PRO A 55 -5.68 7.61 -11.00
CA PRO A 55 -4.58 6.73 -11.39
C PRO A 55 -3.89 7.23 -12.65
N TRP A 56 -4.66 7.81 -13.56
CA TRP A 56 -4.11 8.34 -14.81
C TRP A 56 -3.15 9.49 -14.56
N LYS A 57 -3.57 10.46 -13.75
CA LYS A 57 -2.69 11.57 -13.45
C LYS A 57 -1.40 11.08 -12.76
N LEU A 58 -1.54 10.24 -11.73
CA LEU A 58 -0.37 9.73 -11.02
C LEU A 58 0.56 8.95 -11.95
N ARG A 59 -0.03 8.22 -12.88
CA ARG A 59 0.73 7.43 -13.83
C ARG A 59 1.53 8.36 -14.78
N CYS A 60 0.90 9.44 -15.25
CA CYS A 60 1.60 10.36 -16.13
C CYS A 60 2.80 10.99 -15.41
N LEU A 61 2.57 11.45 -14.19
CA LEU A 61 3.63 12.06 -13.40
C LEU A 61 4.74 11.06 -13.10
N ALA A 62 4.37 9.84 -12.71
CA ALA A 62 5.34 8.81 -12.38
C ALA A 62 6.23 8.41 -13.56
N GLN A 63 5.60 8.14 -14.70
CA GLN A 63 6.33 7.75 -15.90
C GLN A 63 7.31 8.82 -16.37
N THR A 64 6.91 10.09 -16.27
CA THR A 64 7.79 11.17 -16.70
C THR A 64 9.04 11.24 -15.84
N PHE A 65 8.89 11.30 -14.53
CA PHE A 65 10.06 11.36 -13.67
C PHE A 65 10.90 10.10 -13.76
N ALA A 66 10.26 8.96 -14.05
CA ALA A 66 10.96 7.69 -14.14
C ALA A 66 11.95 7.64 -15.30
N THR A 67 11.82 8.58 -16.23
CA THR A 67 12.72 8.63 -17.39
C THR A 67 14.07 9.17 -16.93
N GLY A 68 14.08 9.82 -15.78
CA GLY A 68 15.30 10.39 -15.25
C GLY A 68 15.73 11.66 -15.99
N GLU A 69 14.93 12.10 -16.95
CA GLU A 69 15.27 13.31 -17.72
C GLU A 69 14.81 14.62 -17.09
N VAL A 70 14.06 14.51 -16.01
CA VAL A 70 13.57 15.69 -15.29
C VAL A 70 14.21 15.64 -13.92
N SER A 71 15.25 16.44 -13.72
CA SER A 71 15.97 16.45 -12.45
C SER A 71 16.58 17.81 -12.16
N GLY A 72 17.05 17.98 -10.93
CA GLY A 72 17.66 19.24 -10.52
C GLY A 72 17.67 19.37 -9.01
N ARG A 73 17.67 20.62 -8.53
CA ARG A 73 17.69 20.89 -7.10
C ARG A 73 16.39 21.53 -6.60
N THR A 74 15.87 22.50 -7.36
CA THR A 74 14.65 23.18 -6.94
C THR A 74 13.47 22.96 -7.87
N LEU A 75 12.27 22.98 -7.28
CA LEU A 75 11.03 22.76 -8.04
C LEU A 75 9.93 23.64 -7.48
N ILE A 76 9.15 24.25 -8.36
CA ILE A 76 8.05 25.10 -7.95
C ILE A 76 6.74 24.53 -8.46
N ASP A 77 5.75 24.45 -7.57
CA ASP A 77 4.43 23.95 -7.95
C ASP A 77 3.53 25.18 -8.01
N ILE A 78 3.07 25.49 -9.22
CA ILE A 78 2.24 26.66 -9.48
C ILE A 78 0.75 26.40 -9.24
N GLY A 79 0.17 27.15 -8.30
CA GLY A 79 -1.25 26.99 -8.02
C GLY A 79 -1.58 25.64 -7.41
N SER A 80 -0.88 25.32 -6.33
CA SER A 80 -1.04 24.06 -5.62
C SER A 80 -2.43 23.87 -5.03
N GLY A 81 -3.07 24.96 -4.66
CA GLY A 81 -4.37 24.83 -4.05
C GLY A 81 -4.18 23.99 -2.80
N PRO A 82 -5.21 23.25 -2.36
CA PRO A 82 -5.04 22.43 -1.16
C PRO A 82 -4.62 20.98 -1.44
N THR A 83 -3.93 20.72 -2.55
CA THR A 83 -3.56 19.34 -2.88
C THR A 83 -2.05 19.08 -2.96
N VAL A 84 -1.66 17.83 -2.75
CA VAL A 84 -0.24 17.47 -2.82
C VAL A 84 0.05 16.30 -3.77
N TYR A 85 -1.00 15.66 -4.27
CA TYR A 85 -0.85 14.50 -5.17
C TYR A 85 0.05 14.77 -6.35
N GLN A 86 0.02 16.00 -6.86
CA GLN A 86 0.82 16.36 -8.00
C GLN A 86 2.33 16.33 -7.73
N LEU A 87 2.73 16.21 -6.46
CA LEU A 87 4.16 16.19 -6.14
C LEU A 87 4.69 14.87 -5.57
N LEU A 88 3.85 13.85 -5.49
CA LEU A 88 4.23 12.55 -4.93
C LEU A 88 5.39 11.84 -5.62
N SER A 89 5.44 11.87 -6.95
CA SER A 89 6.54 11.22 -7.67
C SER A 89 7.69 12.19 -7.86
N ALA A 90 7.35 13.48 -7.87
CA ALA A 90 8.32 14.54 -8.06
C ALA A 90 9.30 14.70 -6.89
N CYS A 91 8.77 14.69 -5.67
CA CYS A 91 9.58 14.89 -4.48
C CYS A 91 10.90 14.11 -4.40
N SER A 92 10.99 12.95 -5.02
CA SER A 92 12.24 12.20 -4.95
C SER A 92 13.31 12.66 -5.94
N HIS A 93 13.00 13.69 -6.73
CA HIS A 93 13.97 14.20 -7.71
C HIS A 93 14.39 15.64 -7.45
N PHE A 94 13.80 16.26 -6.44
CA PHE A 94 14.15 17.64 -6.11
C PHE A 94 14.16 17.85 -4.61
N GLU A 95 15.29 18.30 -4.08
CA GLU A 95 15.44 18.51 -2.64
C GLU A 95 14.78 19.78 -2.14
N ASP A 96 14.64 20.79 -3.00
CA ASP A 96 14.00 22.03 -2.60
C ASP A 96 12.70 22.23 -3.38
N ILE A 97 11.58 22.05 -2.69
CA ILE A 97 10.28 22.20 -3.34
C ILE A 97 9.49 23.37 -2.80
N THR A 98 8.95 24.18 -3.71
CA THR A 98 8.16 25.34 -3.32
C THR A 98 6.72 25.17 -3.76
N MET A 99 5.79 25.17 -2.82
CA MET A 99 4.39 25.06 -3.15
C MET A 99 3.81 26.47 -3.11
N THR A 100 2.78 26.72 -3.92
CA THR A 100 2.20 28.06 -3.97
C THR A 100 0.70 28.08 -4.17
N ASP A 101 0.11 29.27 -4.00
CA ASP A 101 -1.30 29.48 -4.23
C ASP A 101 -1.75 30.89 -3.94
N PHE A 102 -2.82 31.28 -4.63
CA PHE A 102 -3.42 32.60 -4.52
C PHE A 102 -4.14 32.82 -3.19
N LEU A 103 -4.87 31.80 -2.74
CA LEU A 103 -5.64 31.92 -1.53
C LEU A 103 -4.92 31.53 -0.24
N GLU A 104 -5.17 32.32 0.81
CA GLU A 104 -4.59 32.06 2.11
C GLU A 104 -5.20 30.78 2.68
N VAL A 105 -6.51 30.58 2.46
CA VAL A 105 -7.18 29.39 2.96
C VAL A 105 -6.57 28.11 2.40
N ASN A 106 -6.07 28.16 1.17
CA ASN A 106 -5.46 26.97 0.61
C ASN A 106 -4.10 26.74 1.24
N ARG A 107 -3.29 27.80 1.29
CA ARG A 107 -1.96 27.70 1.87
C ARG A 107 -2.08 27.16 3.30
N GLN A 108 -3.20 27.50 3.95
CA GLN A 108 -3.46 27.03 5.32
C GLN A 108 -3.75 25.53 5.32
N GLU A 109 -4.57 25.09 4.38
CA GLU A 109 -4.94 23.68 4.28
C GLU A 109 -3.68 22.87 3.98
N LEU A 110 -2.80 23.41 3.13
CA LEU A 110 -1.55 22.73 2.79
C LEU A 110 -0.74 22.57 4.07
N GLY A 111 -0.60 23.67 4.81
CA GLY A 111 0.15 23.66 6.04
C GLY A 111 -0.31 22.57 6.99
N ARG A 112 -1.62 22.39 7.11
CA ARG A 112 -2.16 21.37 8.00
C ARG A 112 -1.65 19.99 7.63
N TRP A 113 -1.47 19.72 6.34
CA TRP A 113 -0.99 18.42 5.93
C TRP A 113 0.53 18.34 6.08
N LEU A 114 1.23 19.41 5.74
CA LEU A 114 2.68 19.40 5.85
C LEU A 114 3.12 19.29 7.31
N GLN A 115 2.34 19.86 8.22
CA GLN A 115 2.65 19.81 9.64
C GLN A 115 1.99 18.65 10.35
N GLU A 116 1.14 17.92 9.65
CA GLU A 116 0.42 16.79 10.22
C GLU A 116 -0.48 17.27 11.36
N GLU A 117 -1.02 18.47 11.20
CA GLU A 117 -1.90 19.07 12.19
C GLU A 117 -3.30 18.48 12.13
N PRO A 118 -4.12 18.78 13.15
CA PRO A 118 -5.50 18.28 13.22
C PRO A 118 -6.33 18.66 12.00
N GLY A 119 -7.11 17.69 11.51
CA GLY A 119 -7.97 17.94 10.38
C GLY A 119 -7.33 17.95 9.00
N ALA A 120 -6.06 17.61 8.91
CA ALA A 120 -5.41 17.60 7.60
C ALA A 120 -6.17 16.62 6.72
N PHE A 121 -6.15 16.87 5.41
CA PHE A 121 -6.83 16.01 4.46
C PHE A 121 -6.01 14.73 4.35
N ASN A 122 -6.69 13.61 4.16
CA ASN A 122 -6.00 12.32 4.04
C ASN A 122 -5.60 11.96 2.60
N TRP A 123 -4.33 12.15 2.28
CA TRP A 123 -3.79 11.83 0.95
C TRP A 123 -3.16 10.45 0.88
N SER A 124 -3.36 9.65 1.92
CA SER A 124 -2.75 8.33 1.96
C SER A 124 -3.07 7.41 0.78
N MET A 125 -4.30 7.43 0.25
CA MET A 125 -4.62 6.57 -0.89
C MET A 125 -3.78 6.96 -2.12
N TYR A 126 -3.58 8.26 -2.33
CA TYR A 126 -2.78 8.72 -3.46
C TYR A 126 -1.30 8.39 -3.23
N SER A 127 -0.83 8.53 -2.00
CA SER A 127 0.56 8.22 -1.68
C SER A 127 0.81 6.73 -1.92
N GLN A 128 -0.13 5.90 -1.49
CA GLN A 128 -0.02 4.45 -1.67
C GLN A 128 0.00 4.07 -3.15
N HIS A 129 -0.86 4.71 -3.94
CA HIS A 129 -0.89 4.38 -5.36
C HIS A 129 0.34 4.88 -6.10
N ALA A 130 0.87 6.03 -5.68
CA ALA A 130 2.06 6.56 -6.34
C ALA A 130 3.18 5.54 -6.09
N CYS A 131 3.23 5.01 -4.87
CA CYS A 131 4.26 4.01 -4.52
C CYS A 131 4.05 2.74 -5.33
N LEU A 132 2.79 2.40 -5.54
CA LEU A 132 2.40 1.22 -6.30
C LEU A 132 2.85 1.39 -7.74
N ILE A 133 2.50 2.54 -8.32
CA ILE A 133 2.83 2.89 -9.69
C ILE A 133 4.33 3.00 -9.92
N GLU A 134 5.04 3.63 -8.98
CA GLU A 134 6.48 3.78 -9.13
C GLU A 134 7.19 2.42 -9.10
N GLY A 135 6.61 1.46 -8.39
CA GLY A 135 7.20 0.13 -8.34
C GLY A 135 8.60 0.00 -7.75
N LYS A 136 8.90 0.78 -6.72
CA LYS A 136 10.19 0.72 -6.07
C LYS A 136 10.01 0.07 -4.69
N GLY A 137 8.82 -0.45 -4.43
CA GLY A 137 8.54 -1.08 -3.16
C GLY A 137 8.64 -0.17 -1.95
N GLU A 138 8.45 1.13 -2.16
CA GLU A 138 8.51 2.11 -1.08
C GLU A 138 7.20 2.10 -0.32
N CYS A 139 7.26 2.29 1.00
CA CYS A 139 6.04 2.33 1.79
C CYS A 139 5.53 3.76 1.62
N TRP A 140 4.22 3.95 1.73
CA TRP A 140 3.64 5.28 1.55
C TRP A 140 4.00 6.30 2.62
N GLN A 141 4.35 5.83 3.83
CA GLN A 141 4.73 6.75 4.90
C GLN A 141 6.09 7.40 4.58
N ASP A 142 6.98 6.62 3.97
CA ASP A 142 8.29 7.14 3.61
C ASP A 142 8.13 8.20 2.53
N LYS A 143 7.24 7.91 1.58
CA LYS A 143 6.94 8.82 0.47
C LYS A 143 6.43 10.15 1.02
N GLU A 144 5.44 10.09 1.92
CA GLU A 144 4.86 11.30 2.49
C GLU A 144 5.92 12.04 3.31
N ARG A 145 6.78 11.27 3.99
CA ARG A 145 7.84 11.84 4.82
C ARG A 145 8.78 12.67 3.95
N GLN A 146 9.17 12.11 2.82
CA GLN A 146 10.07 12.80 1.92
C GLN A 146 9.44 14.07 1.35
N LEU A 147 8.15 13.99 1.04
CA LEU A 147 7.45 15.14 0.50
C LEU A 147 7.37 16.27 1.52
N ARG A 148 7.01 15.94 2.75
CA ARG A 148 6.92 16.95 3.80
C ARG A 148 8.29 17.58 4.06
N ALA A 149 9.33 16.76 4.01
CA ALA A 149 10.69 17.22 4.25
C ALA A 149 11.22 18.16 3.16
N ARG A 150 10.98 17.80 1.89
CA ARG A 150 11.49 18.62 0.80
C ARG A 150 10.68 19.86 0.46
N VAL A 151 9.50 19.99 1.06
CA VAL A 151 8.66 21.18 0.83
C VAL A 151 9.15 22.21 1.84
N LYS A 152 9.94 23.15 1.34
CA LYS A 152 10.53 24.17 2.20
C LYS A 152 9.67 25.40 2.45
N ARG A 153 8.69 25.64 1.57
CA ARG A 153 7.85 26.82 1.72
C ARG A 153 6.59 26.82 0.85
N VAL A 154 5.54 27.42 1.39
CA VAL A 154 4.26 27.55 0.70
C VAL A 154 4.07 29.05 0.50
N LEU A 155 4.25 29.52 -0.72
CA LEU A 155 4.14 30.94 -1.02
C LEU A 155 2.90 31.40 -1.77
N PRO A 156 2.52 32.67 -1.56
CA PRO A 156 1.35 33.21 -2.26
C PRO A 156 1.80 33.44 -3.69
N ILE A 157 0.86 33.48 -4.62
CA ILE A 157 1.24 33.64 -6.01
C ILE A 157 0.08 34.15 -6.85
N ASP A 158 0.41 34.83 -7.94
CA ASP A 158 -0.58 35.35 -8.85
C ASP A 158 0.02 35.22 -10.25
N VAL A 159 -0.49 34.26 -11.02
CA VAL A 159 0.03 34.04 -12.36
C VAL A 159 -0.23 35.18 -13.33
N HIS A 160 -1.14 36.08 -12.95
CA HIS A 160 -1.47 37.21 -13.81
C HIS A 160 -0.44 38.34 -13.75
N GLN A 161 0.37 38.35 -12.71
CA GLN A 161 1.41 39.37 -12.56
C GLN A 161 2.64 38.91 -13.34
N PRO A 162 3.31 39.83 -14.04
CA PRO A 162 4.51 39.50 -14.83
C PRO A 162 5.51 38.70 -14.00
N GLN A 163 5.50 38.96 -12.70
CA GLN A 163 6.36 38.26 -11.75
C GLN A 163 5.42 37.65 -10.72
N PRO A 164 4.94 36.42 -10.97
CA PRO A 164 4.01 35.65 -10.14
C PRO A 164 4.31 35.57 -8.65
N LEU A 165 5.59 35.46 -8.30
CA LEU A 165 5.98 35.38 -6.89
C LEU A 165 6.40 36.73 -6.35
N GLY A 166 6.37 37.74 -7.22
CA GLY A 166 6.77 39.08 -6.82
C GLY A 166 8.27 39.26 -6.93
N ALA A 167 8.78 40.25 -6.22
CA ALA A 167 10.22 40.52 -6.24
C ALA A 167 10.79 40.13 -4.89
N GLY A 168 11.88 39.36 -4.90
CA GLY A 168 12.51 38.96 -3.67
C GLY A 168 11.74 37.92 -2.86
N SER A 169 11.35 36.84 -3.50
CA SER A 169 10.63 35.76 -2.82
C SER A 169 11.66 34.74 -2.35
N PRO A 170 11.37 34.03 -1.25
CA PRO A 170 12.29 33.03 -0.72
C PRO A 170 12.56 31.88 -1.70
N ALA A 171 11.72 31.79 -2.74
CA ALA A 171 11.86 30.73 -3.72
C ALA A 171 13.08 30.90 -4.62
N PRO A 172 13.94 29.87 -4.67
CA PRO A 172 15.17 29.90 -5.49
C PRO A 172 14.78 30.04 -6.96
N LEU A 173 15.34 31.04 -7.64
CA LEU A 173 15.05 31.25 -9.05
C LEU A 173 16.34 31.42 -9.85
N PRO A 174 16.36 30.95 -11.11
CA PRO A 174 15.21 30.28 -11.76
C PRO A 174 15.10 28.84 -11.25
N ALA A 175 13.87 28.33 -11.21
CA ALA A 175 13.64 26.97 -10.74
C ALA A 175 14.11 25.97 -11.78
N ASP A 176 14.42 24.77 -11.32
CA ASP A 176 14.87 23.69 -12.19
C ASP A 176 13.69 23.03 -12.89
N ALA A 177 12.55 23.01 -12.21
CA ALA A 177 11.34 22.40 -12.76
C ALA A 177 10.10 23.08 -12.23
N LEU A 178 9.05 23.02 -13.03
CA LEU A 178 7.77 23.59 -12.65
C LEU A 178 6.71 22.50 -12.79
N VAL A 179 5.74 22.56 -11.89
CA VAL A 179 4.63 21.63 -11.91
C VAL A 179 3.40 22.49 -11.65
N SER A 180 2.35 22.26 -12.44
CA SER A 180 1.11 23.02 -12.25
C SER A 180 -0.04 22.19 -12.74
N ALA A 181 -1.04 22.03 -11.89
CA ALA A 181 -2.22 21.25 -12.22
C ALA A 181 -3.52 22.00 -11.95
N PHE A 182 -4.33 22.13 -13.01
CA PHE A 182 -5.62 22.78 -12.94
C PHE A 182 -5.59 24.22 -12.45
N CYS A 183 -4.59 24.97 -12.86
CA CYS A 183 -4.50 26.35 -12.43
C CYS A 183 -4.78 27.36 -13.54
N LEU A 184 -3.86 27.42 -14.49
CA LEU A 184 -3.97 28.38 -15.58
C LEU A 184 -5.35 28.48 -16.22
N GLU A 185 -5.85 27.38 -16.78
CA GLU A 185 -7.14 27.43 -17.43
C GLU A 185 -8.26 27.79 -16.46
N ALA A 186 -8.05 27.49 -15.18
CA ALA A 186 -9.07 27.77 -14.17
C ALA A 186 -9.01 29.19 -13.61
N VAL A 187 -8.08 30.00 -14.11
CA VAL A 187 -7.95 31.38 -13.61
C VAL A 187 -7.89 32.42 -14.74
N SER A 188 -8.02 31.96 -15.98
CA SER A 188 -7.95 32.84 -17.12
C SER A 188 -9.28 32.84 -17.89
N PRO A 189 -9.88 34.02 -18.09
CA PRO A 189 -11.16 34.17 -18.80
C PRO A 189 -11.19 33.67 -20.25
N ASP A 190 -10.03 33.61 -20.89
CA ASP A 190 -9.99 33.13 -22.27
C ASP A 190 -8.60 32.68 -22.65
N LEU A 191 -8.43 32.22 -23.88
CA LEU A 191 -7.13 31.75 -24.36
C LEU A 191 -6.01 32.77 -24.12
N ALA A 192 -6.22 34.00 -24.58
CA ALA A 192 -5.23 35.07 -24.44
C ALA A 192 -4.70 35.18 -23.03
N SER A 193 -5.59 35.27 -22.04
CA SER A 193 -5.17 35.37 -20.65
C SER A 193 -4.37 34.12 -20.28
N PHE A 194 -4.79 32.98 -20.85
CA PHE A 194 -4.13 31.70 -20.59
C PHE A 194 -2.68 31.75 -21.07
N GLN A 195 -2.48 32.35 -22.24
CA GLN A 195 -1.15 32.46 -22.83
C GLN A 195 -0.22 33.35 -22.00
N ARG A 196 -0.74 34.50 -21.60
CA ARG A 196 0.07 35.43 -20.81
C ARG A 196 0.48 34.79 -19.48
N ALA A 197 -0.51 34.21 -18.79
CA ALA A 197 -0.24 33.55 -17.51
C ALA A 197 0.85 32.50 -17.71
N LEU A 198 0.83 31.82 -18.85
CA LEU A 198 1.84 30.82 -19.12
C LEU A 198 3.20 31.49 -19.23
N ASP A 199 3.27 32.60 -19.96
CA ASP A 199 4.53 33.32 -20.11
C ASP A 199 5.00 33.78 -18.74
N HIS A 200 4.06 34.27 -17.94
CA HIS A 200 4.38 34.76 -16.60
C HIS A 200 5.08 33.72 -15.72
N ILE A 201 4.58 32.49 -15.71
CA ILE A 201 5.20 31.47 -14.86
C ILE A 201 6.46 30.90 -15.52
N THR A 202 6.51 30.95 -16.84
CA THR A 202 7.67 30.43 -17.57
C THR A 202 8.94 31.24 -17.23
N THR A 203 8.76 32.49 -16.82
CA THR A 203 9.90 33.31 -16.47
C THR A 203 10.56 32.76 -15.21
N LEU A 204 9.85 31.87 -14.51
CA LEU A 204 10.34 31.25 -13.28
C LEU A 204 11.13 29.99 -13.61
N LEU A 205 10.99 29.52 -14.85
CA LEU A 205 11.68 28.31 -15.27
C LEU A 205 13.02 28.58 -15.93
N ARG A 206 14.03 27.91 -15.41
CA ARG A 206 15.39 28.01 -15.89
C ARG A 206 15.48 27.48 -17.33
N PRO A 207 16.28 28.14 -18.19
CA PRO A 207 16.40 27.65 -19.56
C PRO A 207 16.77 26.17 -19.55
N GLY A 208 16.13 25.39 -20.42
CA GLY A 208 16.41 23.97 -20.47
C GLY A 208 15.64 23.24 -19.38
N GLY A 209 14.89 23.99 -18.60
CA GLY A 209 14.10 23.39 -17.53
C GLY A 209 12.87 22.66 -18.02
N HIS A 210 12.18 21.99 -17.10
CA HIS A 210 10.99 21.22 -17.47
C HIS A 210 9.71 21.70 -16.81
N LEU A 211 8.62 21.59 -17.55
CA LEU A 211 7.31 21.96 -17.06
C LEU A 211 6.36 20.77 -17.21
N LEU A 212 5.73 20.37 -16.11
CA LEU A 212 4.76 19.29 -16.13
C LEU A 212 3.43 19.97 -15.86
N LEU A 213 2.64 20.12 -16.91
CA LEU A 213 1.35 20.79 -16.82
C LEU A 213 0.16 19.84 -17.01
N ILE A 214 -0.75 19.87 -16.06
CA ILE A 214 -1.96 19.06 -16.08
C ILE A 214 -3.15 20.03 -16.05
N GLY A 215 -4.18 19.76 -16.83
CA GLY A 215 -5.32 20.66 -16.82
C GLY A 215 -6.60 20.06 -17.36
N ALA A 216 -7.68 20.83 -17.31
CA ALA A 216 -8.97 20.38 -17.80
C ALA A 216 -9.13 20.72 -19.28
N LEU A 217 -9.69 19.78 -20.03
CA LEU A 217 -9.93 19.95 -21.45
C LEU A 217 -11.40 20.21 -21.73
N GLU A 218 -11.67 21.28 -22.47
CA GLU A 218 -13.01 21.66 -22.84
C GLU A 218 -13.96 21.73 -21.64
N GLU A 219 -13.52 22.41 -20.58
CA GLU A 219 -14.32 22.59 -19.36
C GLU A 219 -14.64 24.08 -19.28
N SER A 220 -15.75 24.44 -18.64
CA SER A 220 -16.09 25.85 -18.56
C SER A 220 -16.43 26.32 -17.16
N TRP A 221 -16.62 25.39 -16.24
CA TRP A 221 -16.94 25.75 -14.87
C TRP A 221 -16.77 24.55 -13.96
N TYR A 222 -16.53 24.80 -12.68
CA TYR A 222 -16.41 23.74 -11.69
C TYR A 222 -16.77 24.40 -10.36
N LEU A 223 -17.32 23.63 -9.43
CA LEU A 223 -17.71 24.18 -8.14
C LEU A 223 -16.74 23.88 -7.02
N ALA A 224 -16.70 24.77 -6.04
CA ALA A 224 -15.84 24.63 -4.88
C ALA A 224 -16.60 25.23 -3.69
N GLY A 225 -17.69 24.58 -3.30
CA GLY A 225 -18.50 25.07 -2.21
C GLY A 225 -19.42 26.13 -2.76
N GLU A 226 -19.48 27.29 -2.09
CA GLU A 226 -20.33 28.39 -2.54
C GLU A 226 -19.78 29.00 -3.82
N ALA A 227 -18.50 28.76 -4.10
CA ALA A 227 -17.85 29.31 -5.28
C ALA A 227 -18.17 28.57 -6.58
N ARG A 228 -18.39 29.34 -7.64
CA ARG A 228 -18.67 28.81 -8.96
C ARG A 228 -17.58 29.45 -9.83
N LEU A 229 -16.64 28.63 -10.28
CA LEU A 229 -15.51 29.12 -11.06
C LEU A 229 -15.66 28.94 -12.56
N THR A 230 -15.27 29.97 -13.29
CA THR A 230 -15.33 29.94 -14.75
C THR A 230 -14.04 29.31 -15.22
N VAL A 231 -14.09 28.59 -16.33
CA VAL A 231 -12.91 27.96 -16.87
C VAL A 231 -12.85 28.21 -18.36
N VAL A 232 -11.65 28.43 -18.89
CA VAL A 232 -11.54 28.65 -20.32
C VAL A 232 -11.47 27.28 -20.98
N PRO A 233 -12.43 26.97 -21.86
CA PRO A 233 -12.47 25.70 -22.57
C PRO A 233 -11.28 25.60 -23.53
N VAL A 234 -10.34 24.71 -23.25
CA VAL A 234 -9.19 24.57 -24.14
C VAL A 234 -9.11 23.17 -24.72
N SER A 235 -8.45 23.06 -25.87
CA SER A 235 -8.30 21.78 -26.53
C SER A 235 -6.83 21.36 -26.47
N GLU A 236 -6.54 20.14 -26.89
CA GLU A 236 -5.17 19.64 -26.89
C GLU A 236 -4.29 20.50 -27.81
N GLU A 237 -4.81 20.85 -28.99
CA GLU A 237 -4.05 21.66 -29.94
C GLU A 237 -3.79 23.05 -29.36
N GLU A 238 -4.81 23.64 -28.76
CA GLU A 238 -4.65 24.95 -28.16
C GLU A 238 -3.60 24.95 -27.06
N VAL A 239 -3.49 23.82 -26.35
CA VAL A 239 -2.52 23.71 -25.27
C VAL A 239 -1.12 23.55 -25.87
N ARG A 240 -1.01 22.73 -26.91
CA ARG A 240 0.27 22.52 -27.57
C ARG A 240 0.79 23.82 -28.17
N GLU A 241 -0.07 24.54 -28.89
CA GLU A 241 0.32 25.79 -29.52
C GLU A 241 0.73 26.82 -28.48
N ALA A 242 0.00 26.90 -27.37
CA ALA A 242 0.33 27.86 -26.32
C ALA A 242 1.70 27.53 -25.72
N LEU A 243 1.98 26.25 -25.54
CA LEU A 243 3.28 25.85 -24.98
C LEU A 243 4.39 26.27 -25.95
N VAL A 244 4.22 25.96 -27.22
CA VAL A 244 5.22 26.34 -28.22
C VAL A 244 5.43 27.86 -28.21
N ARG A 245 4.34 28.61 -28.27
CA ARG A 245 4.41 30.06 -28.27
C ARG A 245 5.20 30.58 -27.07
N SER A 246 5.16 29.85 -25.96
CA SER A 246 5.89 30.29 -24.78
C SER A 246 7.36 29.91 -24.88
N GLY A 247 7.71 29.20 -25.95
CA GLY A 247 9.09 28.80 -26.14
C GLY A 247 9.44 27.46 -25.56
N TYR A 248 8.45 26.57 -25.51
CA TYR A 248 8.67 25.22 -24.98
C TYR A 248 8.82 24.23 -26.12
N LYS A 249 9.42 23.09 -25.80
CA LYS A 249 9.60 22.01 -26.75
C LYS A 249 8.68 20.96 -26.13
N VAL A 250 7.58 20.63 -26.80
CA VAL A 250 6.64 19.66 -26.26
C VAL A 250 7.18 18.23 -26.33
N ARG A 251 7.63 17.73 -25.18
CA ARG A 251 8.17 16.37 -25.13
C ARG A 251 7.05 15.34 -25.11
N ASP A 252 5.96 15.63 -24.43
CA ASP A 252 4.84 14.69 -24.34
C ASP A 252 3.53 15.41 -23.99
N LEU A 253 2.44 15.02 -24.65
CA LEU A 253 1.13 15.62 -24.40
C LEU A 253 0.04 14.56 -24.53
N ARG A 254 -0.58 14.20 -23.40
CA ARG A 254 -1.61 13.16 -23.39
C ARG A 254 -2.98 13.66 -23.01
N THR A 255 -3.98 12.90 -23.44
CA THR A 255 -5.36 13.21 -23.17
C THR A 255 -6.09 12.04 -22.50
N TYR A 256 -6.88 12.38 -21.50
CA TYR A 256 -7.67 11.41 -20.77
C TYR A 256 -9.11 11.86 -20.94
N ILE A 257 -9.95 10.96 -21.46
CA ILE A 257 -11.35 11.30 -21.65
C ILE A 257 -12.13 10.95 -20.38
N MET A 258 -12.85 11.93 -19.86
CA MET A 258 -13.59 11.72 -18.63
C MET A 258 -14.74 10.72 -18.83
N PRO A 259 -14.67 9.56 -18.16
CA PRO A 259 -15.72 8.53 -18.29
C PRO A 259 -17.01 9.04 -17.66
N ALA A 260 -18.14 8.50 -18.09
CA ALA A 260 -19.45 8.91 -17.57
C ALA A 260 -19.53 8.80 -16.04
N HIS A 261 -18.98 7.72 -15.49
CA HIS A 261 -19.00 7.47 -14.06
C HIS A 261 -18.30 8.54 -13.24
N LEU A 262 -17.36 9.25 -13.85
CA LEU A 262 -16.65 10.31 -13.14
C LEU A 262 -17.22 11.70 -13.44
N GLN A 263 -18.32 11.73 -14.17
CA GLN A 263 -19.00 12.99 -14.51
C GLN A 263 -20.09 13.12 -13.46
N THR A 264 -19.81 13.90 -12.42
N THR A 264 -19.80 13.94 -12.45
CA THR A 264 -20.72 14.02 -11.29
CA THR A 264 -20.74 14.21 -11.39
C THR A 264 -21.57 15.26 -11.01
C THR A 264 -21.26 15.60 -11.72
N GLY A 265 -21.35 16.36 -11.71
N GLY A 265 -21.85 16.26 -10.73
CA GLY A 265 -22.14 17.54 -11.44
CA GLY A 265 -22.37 17.58 -10.97
C GLY A 265 -21.37 18.71 -10.84
C GLY A 265 -21.47 18.65 -10.38
N VAL A 266 -20.16 18.42 -10.38
CA VAL A 266 -19.26 19.41 -9.80
C VAL A 266 -18.58 20.24 -10.88
N ASP A 267 -18.77 19.83 -12.13
CA ASP A 267 -18.19 20.55 -13.25
C ASP A 267 -18.70 19.94 -14.54
N ASP A 268 -18.15 20.39 -15.66
CA ASP A 268 -18.52 19.88 -16.97
C ASP A 268 -17.26 19.53 -17.77
N VAL A 269 -16.22 19.12 -17.06
CA VAL A 269 -14.97 18.75 -17.72
C VAL A 269 -15.20 17.60 -18.70
N LYS A 270 -14.60 17.69 -19.88
CA LYS A 270 -14.74 16.65 -20.90
C LYS A 270 -13.54 15.71 -20.87
N GLY A 271 -12.36 16.27 -20.63
CA GLY A 271 -11.16 15.47 -20.59
C GLY A 271 -10.08 16.12 -19.74
N VAL A 272 -8.93 15.48 -19.64
CA VAL A 272 -7.82 16.02 -18.87
C VAL A 272 -6.55 15.85 -19.68
N PHE A 273 -5.71 16.89 -19.68
CA PHE A 273 -4.49 16.81 -20.44
C PHE A 273 -3.23 16.81 -19.58
N PHE A 274 -2.21 16.12 -20.05
CA PHE A 274 -0.92 16.10 -19.37
C PHE A 274 0.15 16.48 -20.37
N ALA A 275 0.92 17.51 -20.04
CA ALA A 275 1.99 17.96 -20.91
C ALA A 275 3.34 18.02 -20.21
N TRP A 276 4.36 17.51 -20.88
CA TRP A 276 5.72 17.54 -20.39
C TRP A 276 6.48 18.37 -21.43
N ALA A 277 6.73 19.62 -21.08
CA ALA A 277 7.41 20.54 -21.97
C ALA A 277 8.75 20.98 -21.41
N GLN A 278 9.71 21.16 -22.32
CA GLN A 278 11.05 21.60 -21.95
C GLN A 278 11.33 22.98 -22.54
N LYS A 279 11.75 23.90 -21.69
CA LYS A 279 12.06 25.26 -22.12
C LYS A 279 13.32 25.29 -22.97
N VAL A 280 13.18 25.75 -24.21
CA VAL A 280 14.31 25.84 -25.12
C VAL A 280 14.72 27.29 -25.33
N ALA B 13 5.63 -46.05 22.62
CA ALA B 13 6.72 -45.15 22.96
C ALA B 13 6.29 -44.23 24.11
N PRO B 14 7.08 -43.18 24.42
CA PRO B 14 6.65 -42.31 25.52
C PRO B 14 5.22 -41.83 25.32
N ASP B 15 4.52 -41.56 26.41
CA ASP B 15 3.15 -41.08 26.32
C ASP B 15 3.22 -39.63 25.84
N SER B 16 2.44 -39.31 24.82
CA SER B 16 2.44 -37.96 24.25
C SER B 16 1.42 -37.04 24.94
N ALA B 17 0.41 -37.65 25.54
CA ALA B 17 -0.65 -36.91 26.22
C ALA B 17 -0.15 -35.83 27.19
N PRO B 18 0.71 -36.20 28.16
CA PRO B 18 1.20 -35.19 29.11
C PRO B 18 1.68 -33.89 28.49
N GLY B 19 2.59 -33.98 27.52
CA GLY B 19 3.11 -32.79 26.88
C GLY B 19 2.06 -31.95 26.17
N GLN B 20 1.09 -32.63 25.57
CA GLN B 20 0.01 -32.00 24.84
C GLN B 20 -0.95 -31.29 25.79
N ALA B 21 -1.15 -31.89 26.97
CA ALA B 21 -2.03 -31.32 27.96
C ALA B 21 -1.41 -30.02 28.46
N ALA B 22 -0.09 -30.02 28.61
CA ALA B 22 0.62 -28.83 29.07
C ALA B 22 0.41 -27.69 28.08
N VAL B 23 0.59 -27.97 26.78
CA VAL B 23 0.42 -26.95 25.75
C VAL B 23 -1.01 -26.43 25.75
N ALA B 24 -1.98 -27.33 25.76
CA ALA B 24 -3.37 -26.93 25.77
C ALA B 24 -3.62 -25.96 26.95
N SER B 25 -3.17 -26.36 28.14
CA SER B 25 -3.31 -25.55 29.35
C SER B 25 -2.70 -24.15 29.15
N ALA B 26 -1.45 -24.11 28.71
CA ALA B 26 -0.78 -22.84 28.48
C ALA B 26 -1.55 -21.89 27.56
N TYR B 27 -2.09 -22.41 26.46
CA TYR B 27 -2.80 -21.54 25.54
C TYR B 27 -4.12 -20.96 26.05
N GLN B 28 -4.60 -21.46 27.19
CA GLN B 28 -5.84 -20.94 27.76
C GLN B 28 -5.61 -19.52 28.26
N ARG B 29 -4.35 -19.10 28.28
CA ARG B 29 -4.00 -17.76 28.73
C ARG B 29 -3.53 -16.90 27.56
N PHE B 30 -3.60 -17.45 26.36
CA PHE B 30 -3.18 -16.73 25.15
C PHE B 30 -4.09 -15.54 24.90
N GLU B 31 -3.51 -14.35 24.80
CA GLU B 31 -4.28 -13.13 24.55
C GLU B 31 -4.07 -12.58 23.13
N PRO B 32 -5.08 -12.72 22.25
CA PRO B 32 -4.99 -12.24 20.88
C PRO B 32 -4.41 -10.84 20.70
N ARG B 33 -5.03 -9.86 21.35
CA ARG B 33 -4.57 -8.48 21.24
C ARG B 33 -3.11 -8.24 21.59
N ALA B 34 -2.66 -8.77 22.71
CA ALA B 34 -1.27 -8.60 23.10
C ALA B 34 -0.38 -9.28 22.06
N TYR B 35 -0.84 -10.42 21.55
CA TYR B 35 -0.11 -11.18 20.54
C TYR B 35 0.07 -10.33 19.30
N LEU B 36 -1.05 -9.80 18.79
CA LEU B 36 -1.03 -8.95 17.60
C LEU B 36 -0.14 -7.72 17.79
N ARG B 37 -0.19 -7.13 18.97
CA ARG B 37 0.63 -5.97 19.26
C ARG B 37 2.12 -6.32 19.25
N ASN B 38 2.47 -7.45 19.85
CA ASN B 38 3.87 -7.85 19.90
C ASN B 38 4.48 -8.22 18.57
N ASN B 39 3.69 -8.81 17.67
CA ASN B 39 4.22 -9.25 16.40
C ASN B 39 3.75 -8.56 15.13
N TYR B 40 2.64 -7.84 15.18
CA TYR B 40 2.16 -7.20 13.97
C TYR B 40 1.91 -5.70 14.08
N ALA B 41 2.59 -5.08 15.05
CA ALA B 41 2.52 -3.64 15.25
C ALA B 41 3.99 -3.21 15.35
N PRO B 42 4.30 -1.95 15.04
CA PRO B 42 5.69 -1.49 15.12
C PRO B 42 6.35 -1.92 16.43
N PRO B 43 7.66 -2.22 16.40
CA PRO B 43 8.60 -2.21 15.26
C PRO B 43 8.41 -3.34 14.25
N ARG B 44 8.07 -4.52 14.74
CA ARG B 44 7.89 -5.67 13.86
C ARG B 44 6.78 -5.42 12.83
N GLY B 45 5.75 -4.71 13.27
CA GLY B 45 4.64 -4.41 12.39
C GLY B 45 4.95 -3.29 11.42
N ASP B 46 6.13 -2.68 11.56
CA ASP B 46 6.53 -1.60 10.66
C ASP B 46 7.04 -2.19 9.38
N LEU B 47 6.25 -2.06 8.32
CA LEU B 47 6.63 -2.64 7.04
C LEU B 47 7.49 -1.76 6.15
N CYS B 48 7.77 -0.54 6.60
CA CYS B 48 8.58 0.37 5.78
C CYS B 48 10.01 -0.10 5.53
N ASN B 49 10.61 -0.75 6.51
CA ASN B 49 11.98 -1.22 6.33
C ASN B 49 12.04 -2.54 5.55
N PRO B 50 12.71 -2.54 4.39
CA PRO B 50 12.83 -3.74 3.56
C PRO B 50 13.54 -4.88 4.28
N ASN B 51 14.28 -4.55 5.33
CA ASN B 51 15.01 -5.57 6.08
C ASN B 51 14.25 -6.13 7.27
N GLY B 52 12.99 -5.73 7.42
CA GLY B 52 12.18 -6.23 8.52
C GLY B 52 11.72 -7.66 8.25
N VAL B 53 11.20 -8.32 9.28
CA VAL B 53 10.73 -9.69 9.16
C VAL B 53 9.37 -9.79 8.47
N GLY B 54 8.56 -8.74 8.59
CA GLY B 54 7.25 -8.73 7.95
C GLY B 54 7.38 -8.72 6.43
N PRO B 55 8.19 -7.82 5.86
CA PRO B 55 8.35 -7.77 4.42
C PRO B 55 8.96 -9.05 3.86
N TRP B 56 9.85 -9.66 4.64
CA TRP B 56 10.50 -10.90 4.22
C TRP B 56 9.46 -12.03 4.13
N LYS B 57 8.58 -12.11 5.12
CA LYS B 57 7.56 -13.15 5.09
C LYS B 57 6.61 -12.94 3.92
N LEU B 58 6.17 -11.71 3.70
CA LEU B 58 5.26 -11.41 2.61
C LEU B 58 5.94 -11.70 1.27
N ARG B 59 7.22 -11.35 1.19
CA ARG B 59 8.00 -11.59 0.00
C ARG B 59 8.11 -13.08 -0.31
N CYS B 60 8.35 -13.91 0.70
CA CYS B 60 8.46 -15.35 0.47
C CYS B 60 7.18 -15.93 -0.06
N LEU B 61 6.07 -15.47 0.49
CA LEU B 61 4.77 -15.97 0.07
C LEU B 61 4.43 -15.49 -1.35
N ALA B 62 4.56 -14.19 -1.58
CA ALA B 62 4.28 -13.59 -2.89
C ALA B 62 5.10 -14.25 -4.00
N GLN B 63 6.41 -14.31 -3.82
CA GLN B 63 7.28 -14.91 -4.81
C GLN B 63 6.92 -16.36 -5.11
N THR B 64 6.50 -17.10 -4.09
CA THR B 64 6.13 -18.50 -4.28
C THR B 64 4.84 -18.65 -5.09
N PHE B 65 3.86 -17.82 -4.81
CA PHE B 65 2.60 -17.91 -5.55
C PHE B 65 2.75 -17.32 -6.95
N ALA B 66 3.78 -16.51 -7.14
CA ALA B 66 4.03 -15.89 -8.43
C ALA B 66 4.59 -16.86 -9.45
N THR B 67 5.10 -18.01 -9.00
CA THR B 67 5.65 -18.99 -9.93
C THR B 67 4.50 -19.64 -10.67
N GLY B 68 3.30 -19.52 -10.12
CA GLY B 68 2.13 -20.11 -10.74
C GLY B 68 2.06 -21.61 -10.49
N GLU B 69 3.07 -22.15 -9.81
CA GLU B 69 3.12 -23.58 -9.53
C GLU B 69 2.33 -24.04 -8.32
N VAL B 70 1.78 -23.10 -7.56
CA VAL B 70 0.99 -23.43 -6.38
C VAL B 70 -0.42 -22.92 -6.57
N SER B 71 -1.31 -23.80 -7.05
CA SER B 71 -2.68 -23.40 -7.30
C SER B 71 -3.62 -24.56 -7.06
N GLY B 72 -4.90 -24.31 -7.25
CA GLY B 72 -5.90 -25.34 -7.04
C GLY B 72 -7.22 -24.70 -6.65
N ARG B 73 -8.09 -25.47 -6.03
CA ARG B 73 -9.38 -24.94 -5.62
C ARG B 73 -9.42 -24.67 -4.13
N THR B 74 -8.92 -25.60 -3.33
CA THR B 74 -8.98 -25.45 -1.88
C THR B 74 -7.64 -25.33 -1.16
N LEU B 75 -7.62 -24.46 -0.15
CA LEU B 75 -6.44 -24.24 0.65
C LEU B 75 -6.81 -24.23 2.12
N ILE B 76 -5.97 -24.83 2.95
CA ILE B 76 -6.23 -24.86 4.39
C ILE B 76 -5.07 -24.18 5.12
N ASP B 77 -5.40 -23.26 6.01
CA ASP B 77 -4.41 -22.55 6.81
C ASP B 77 -4.39 -23.14 8.23
N ILE B 78 -3.32 -23.85 8.54
CA ILE B 78 -3.16 -24.52 9.83
C ILE B 78 -2.65 -23.60 10.93
N GLY B 79 -3.44 -23.48 12.00
CA GLY B 79 -3.08 -22.62 13.12
C GLY B 79 -3.04 -21.15 12.76
N SER B 80 -4.11 -20.65 12.15
CA SER B 80 -4.18 -19.24 11.73
C SER B 80 -4.02 -18.25 12.88
N GLY B 81 -4.50 -18.62 14.05
CA GLY B 81 -4.41 -17.70 15.16
C GLY B 81 -5.31 -16.53 14.81
N PRO B 82 -4.96 -15.30 15.22
CA PRO B 82 -5.82 -14.15 14.89
C PRO B 82 -5.25 -13.32 13.75
N THR B 83 -4.51 -13.96 12.86
CA THR B 83 -3.88 -13.23 11.76
C THR B 83 -4.31 -13.70 10.38
N VAL B 84 -4.14 -12.83 9.39
CA VAL B 84 -4.52 -13.13 8.01
C VAL B 84 -3.42 -12.82 6.98
N TYR B 85 -2.39 -12.12 7.42
CA TYR B 85 -1.30 -11.71 6.54
C TYR B 85 -0.74 -12.89 5.76
N GLN B 86 -0.75 -14.08 6.35
CA GLN B 86 -0.22 -15.26 5.69
C GLN B 86 -1.09 -15.73 4.51
N LEU B 87 -2.22 -15.08 4.29
CA LEU B 87 -3.11 -15.45 3.18
C LEU B 87 -3.29 -14.36 2.11
N LEU B 88 -2.69 -13.19 2.32
CA LEU B 88 -2.85 -12.09 1.36
C LEU B 88 -2.44 -12.40 -0.09
N SER B 89 -1.34 -13.12 -0.28
CA SER B 89 -0.88 -13.48 -1.61
C SER B 89 -1.49 -14.77 -2.13
N ALA B 90 -2.02 -15.58 -1.23
CA ALA B 90 -2.61 -16.86 -1.62
C ALA B 90 -4.06 -16.78 -2.03
N CYS B 91 -4.79 -15.83 -1.47
CA CYS B 91 -6.22 -15.73 -1.75
C CYS B 91 -6.59 -15.58 -3.23
N SER B 92 -5.70 -15.00 -4.03
CA SER B 92 -6.01 -14.83 -5.44
C SER B 92 -5.73 -16.13 -6.20
N HIS B 93 -5.32 -17.17 -5.47
CA HIS B 93 -5.01 -18.43 -6.10
C HIS B 93 -5.88 -19.59 -5.65
N PHE B 94 -6.72 -19.37 -4.64
CA PHE B 94 -7.59 -20.45 -4.16
C PHE B 94 -8.99 -19.91 -3.87
N GLU B 95 -9.98 -20.53 -4.49
CA GLU B 95 -11.38 -20.12 -4.37
C GLU B 95 -11.99 -20.47 -3.02
N ASP B 96 -11.51 -21.54 -2.43
CA ASP B 96 -12.03 -22.02 -1.15
C ASP B 96 -10.91 -22.06 -0.13
N ILE B 97 -10.96 -21.17 0.84
CA ILE B 97 -9.95 -21.10 1.89
C ILE B 97 -10.53 -21.46 3.24
N THR B 98 -9.87 -22.37 3.95
CA THR B 98 -10.31 -22.76 5.27
C THR B 98 -9.32 -22.22 6.30
N MET B 99 -9.81 -21.43 7.26
CA MET B 99 -8.96 -20.89 8.32
C MET B 99 -9.22 -21.75 9.55
N THR B 100 -8.21 -21.88 10.42
CA THR B 100 -8.37 -22.72 11.61
C THR B 100 -7.56 -22.26 12.81
N ASP B 101 -7.97 -22.74 13.99
CA ASP B 101 -7.25 -22.47 15.22
C ASP B 101 -7.82 -23.27 16.39
N PHE B 102 -6.94 -23.53 17.35
CA PHE B 102 -7.26 -24.29 18.55
C PHE B 102 -8.16 -23.50 19.48
N LEU B 103 -7.88 -22.21 19.59
CA LEU B 103 -8.61 -21.32 20.49
C LEU B 103 -9.80 -20.62 19.86
N GLU B 104 -10.87 -20.51 20.65
CA GLU B 104 -12.09 -19.86 20.19
C GLU B 104 -11.90 -18.35 20.10
N VAL B 105 -11.17 -17.77 21.06
CA VAL B 105 -10.93 -16.33 21.05
C VAL B 105 -10.23 -15.89 19.76
N ASN B 106 -9.36 -16.73 19.23
CA ASN B 106 -8.67 -16.39 18.00
C ASN B 106 -9.65 -16.48 16.82
N ARG B 107 -10.48 -17.51 16.82
CA ARG B 107 -11.44 -17.65 15.76
C ARG B 107 -12.41 -16.48 15.80
N GLN B 108 -12.69 -15.98 17.00
CA GLN B 108 -13.58 -14.83 17.17
C GLN B 108 -12.89 -13.57 16.68
N GLU B 109 -11.57 -13.52 16.85
CA GLU B 109 -10.80 -12.36 16.42
C GLU B 109 -10.83 -12.31 14.89
N LEU B 110 -10.73 -13.47 14.26
CA LEU B 110 -10.78 -13.54 12.80
C LEU B 110 -12.18 -13.16 12.35
N GLY B 111 -13.16 -13.66 13.07
CA GLY B 111 -14.56 -13.38 12.75
C GLY B 111 -14.81 -11.88 12.79
N ARG B 112 -14.13 -11.17 13.69
CA ARG B 112 -14.31 -9.74 13.81
C ARG B 112 -13.78 -9.09 12.53
N TRP B 113 -12.63 -9.55 12.07
CA TRP B 113 -12.06 -8.99 10.85
C TRP B 113 -12.92 -9.38 9.67
N LEU B 114 -13.42 -10.62 9.65
CA LEU B 114 -14.25 -11.04 8.55
C LEU B 114 -15.50 -10.16 8.40
N GLN B 115 -16.05 -9.71 9.52
CA GLN B 115 -17.24 -8.86 9.51
C GLN B 115 -16.89 -7.41 9.25
N GLU B 116 -15.61 -7.11 9.12
CA GLU B 116 -15.17 -5.75 8.84
C GLU B 116 -15.57 -4.78 9.95
N GLU B 117 -15.65 -5.31 11.17
CA GLU B 117 -15.99 -4.50 12.33
C GLU B 117 -14.86 -3.54 12.61
N PRO B 118 -15.17 -2.30 12.98
CA PRO B 118 -14.14 -1.30 13.26
C PRO B 118 -13.22 -1.66 14.43
N GLY B 119 -13.63 -2.62 15.27
CA GLY B 119 -12.81 -3.02 16.39
C GLY B 119 -11.78 -4.08 16.05
N ALA B 120 -11.95 -4.69 14.88
CA ALA B 120 -11.03 -5.73 14.43
C ALA B 120 -9.62 -5.16 14.31
N PHE B 121 -8.64 -6.04 14.19
CA PHE B 121 -7.26 -5.59 14.05
C PHE B 121 -7.17 -5.04 12.63
N ASN B 122 -6.41 -3.97 12.46
CA ASN B 122 -6.23 -3.35 11.15
C ASN B 122 -5.04 -3.96 10.41
N TRP B 123 -5.33 -4.71 9.37
CA TRP B 123 -4.28 -5.35 8.58
C TRP B 123 -3.91 -4.60 7.30
N SER B 124 -4.42 -3.38 7.13
CA SER B 124 -4.17 -2.61 5.91
C SER B 124 -2.71 -2.40 5.52
N MET B 125 -1.80 -2.29 6.50
CA MET B 125 -0.39 -2.10 6.18
C MET B 125 0.13 -3.34 5.45
N TYR B 126 -0.18 -4.51 5.97
CA TYR B 126 0.25 -5.76 5.34
C TYR B 126 -0.43 -5.94 3.98
N SER B 127 -1.73 -5.64 3.92
CA SER B 127 -2.48 -5.75 2.67
C SER B 127 -1.86 -4.86 1.60
N GLN B 128 -1.56 -3.62 1.97
CA GLN B 128 -0.95 -2.69 1.03
C GLN B 128 0.45 -3.18 0.64
N HIS B 129 1.24 -3.69 1.58
CA HIS B 129 2.57 -4.17 1.21
C HIS B 129 2.48 -5.38 0.29
N ALA B 130 1.46 -6.22 0.48
CA ALA B 130 1.33 -7.39 -0.38
C ALA B 130 1.01 -6.93 -1.81
N CYS B 131 0.12 -5.94 -1.92
CA CYS B 131 -0.26 -5.41 -3.23
C CYS B 131 0.95 -4.75 -3.86
N LEU B 132 1.77 -4.14 -3.00
CA LEU B 132 2.96 -3.48 -3.43
C LEU B 132 3.98 -4.44 -4.03
N ILE B 133 4.29 -5.53 -3.34
CA ILE B 133 5.28 -6.45 -3.88
C ILE B 133 4.77 -7.40 -4.96
N GLU B 134 3.46 -7.65 -4.98
CA GLU B 134 2.91 -8.52 -6.00
C GLU B 134 3.00 -7.85 -7.36
N GLY B 135 3.08 -6.51 -7.35
CA GLY B 135 3.24 -5.72 -8.56
C GLY B 135 2.18 -5.75 -9.64
N LYS B 136 0.91 -5.79 -9.26
CA LYS B 136 -0.17 -5.81 -10.24
C LYS B 136 -1.02 -4.56 -10.08
N GLY B 137 -0.49 -3.59 -9.36
CA GLY B 137 -1.21 -2.35 -9.14
C GLY B 137 -2.53 -2.50 -8.39
N GLU B 138 -2.74 -3.63 -7.73
CA GLU B 138 -3.98 -3.84 -7.01
C GLU B 138 -4.05 -2.92 -5.78
N CYS B 139 -5.26 -2.48 -5.44
CA CYS B 139 -5.45 -1.61 -4.29
C CYS B 139 -5.76 -2.56 -3.11
N TRP B 140 -5.28 -2.23 -1.92
CA TRP B 140 -5.48 -3.12 -0.77
C TRP B 140 -6.93 -3.45 -0.45
N GLN B 141 -7.84 -2.51 -0.69
CA GLN B 141 -9.25 -2.75 -0.39
C GLN B 141 -9.76 -3.93 -1.21
N ASP B 142 -9.37 -4.01 -2.47
CA ASP B 142 -9.81 -5.11 -3.33
C ASP B 142 -9.20 -6.41 -2.82
N LYS B 143 -7.92 -6.35 -2.50
CA LYS B 143 -7.18 -7.50 -1.98
C LYS B 143 -7.92 -8.08 -0.77
N GLU B 144 -8.25 -7.23 0.20
CA GLU B 144 -8.94 -7.70 1.40
C GLU B 144 -10.36 -8.18 1.13
N ARG B 145 -11.04 -7.56 0.18
CA ARG B 145 -12.41 -7.98 -0.14
C ARG B 145 -12.39 -9.40 -0.68
N GLN B 146 -11.37 -9.70 -1.48
CA GLN B 146 -11.24 -11.03 -2.06
C GLN B 146 -10.95 -12.05 -0.96
N LEU B 147 -10.08 -11.68 -0.03
CA LEU B 147 -9.77 -12.59 1.05
C LEU B 147 -11.04 -12.91 1.84
N ARG B 148 -11.80 -11.88 2.19
CA ARG B 148 -13.02 -12.08 2.95
C ARG B 148 -14.03 -12.95 2.21
N ALA B 149 -14.06 -12.85 0.89
CA ALA B 149 -15.02 -13.63 0.09
C ALA B 149 -14.60 -15.09 -0.07
N ARG B 150 -13.29 -15.33 -0.09
CA ARG B 150 -12.79 -16.67 -0.26
C ARG B 150 -12.65 -17.49 1.02
N VAL B 151 -12.62 -16.84 2.17
CA VAL B 151 -12.54 -17.58 3.42
C VAL B 151 -13.93 -18.17 3.61
N LYS B 152 -14.04 -19.49 3.47
CA LYS B 152 -15.33 -20.16 3.57
C LYS B 152 -15.70 -20.68 4.95
N ARG B 153 -14.73 -20.73 5.84
CA ARG B 153 -14.99 -21.25 7.18
C ARG B 153 -13.78 -21.09 8.10
N VAL B 154 -14.06 -21.02 9.40
CA VAL B 154 -13.03 -20.91 10.43
C VAL B 154 -13.31 -22.08 11.36
N LEU B 155 -12.47 -23.10 11.31
CA LEU B 155 -12.67 -24.31 12.10
C LEU B 155 -11.71 -24.54 13.25
N PRO B 156 -12.12 -25.37 14.21
CA PRO B 156 -11.31 -25.71 15.37
C PRO B 156 -10.28 -26.70 14.84
N ILE B 157 -9.12 -26.78 15.48
CA ILE B 157 -8.11 -27.72 15.02
C ILE B 157 -7.09 -28.05 16.10
N ASP B 158 -6.64 -29.29 16.09
CA ASP B 158 -5.63 -29.77 17.02
C ASP B 158 -4.64 -30.59 16.20
N VAL B 159 -3.49 -30.00 15.89
CA VAL B 159 -2.49 -30.70 15.10
C VAL B 159 -1.95 -31.97 15.75
N HIS B 160 -2.16 -32.13 17.05
CA HIS B 160 -1.65 -33.32 17.74
C HIS B 160 -2.54 -34.54 17.56
N GLN B 161 -3.72 -34.36 16.96
CA GLN B 161 -4.64 -35.47 16.74
C GLN B 161 -4.42 -36.04 15.34
N PRO B 162 -4.51 -37.37 15.19
CA PRO B 162 -4.31 -37.99 13.88
C PRO B 162 -5.13 -37.27 12.80
N GLN B 163 -6.34 -36.87 13.18
CA GLN B 163 -7.22 -36.13 12.27
C GLN B 163 -7.36 -34.75 12.90
N PRO B 164 -6.43 -33.84 12.57
CA PRO B 164 -6.40 -32.47 13.09
C PRO B 164 -7.72 -31.70 13.11
N LEU B 165 -8.60 -31.99 12.14
CA LEU B 165 -9.89 -31.31 12.07
C LEU B 165 -11.03 -32.12 12.66
N GLY B 166 -10.77 -33.38 12.95
CA GLY B 166 -11.77 -34.25 13.50
C GLY B 166 -12.48 -34.98 12.37
N ALA B 167 -12.98 -36.18 12.65
CA ALA B 167 -13.67 -36.95 11.63
C ALA B 167 -14.96 -36.26 11.17
N GLY B 168 -15.31 -36.47 9.90
CA GLY B 168 -16.52 -35.87 9.36
C GLY B 168 -16.48 -34.36 9.23
N SER B 169 -15.27 -33.80 9.26
CA SER B 169 -15.06 -32.36 9.16
C SER B 169 -15.65 -31.73 7.91
N PRO B 170 -16.05 -30.45 8.02
CA PRO B 170 -16.64 -29.66 6.95
C PRO B 170 -15.63 -29.38 5.84
N ALA B 171 -14.36 -29.22 6.24
CA ALA B 171 -13.29 -28.92 5.31
C ALA B 171 -13.24 -29.86 4.11
N PRO B 172 -13.11 -29.30 2.90
CA PRO B 172 -13.04 -30.09 1.67
C PRO B 172 -11.68 -30.78 1.66
N LEU B 173 -11.63 -32.06 2.00
CA LEU B 173 -10.37 -32.78 2.00
C LEU B 173 -10.35 -33.79 0.87
N PRO B 174 -9.16 -34.05 0.31
CA PRO B 174 -7.89 -33.44 0.70
C PRO B 174 -7.76 -32.07 0.04
N ALA B 175 -7.11 -31.14 0.73
CA ALA B 175 -6.94 -29.80 0.18
C ALA B 175 -5.83 -29.76 -0.87
N ASP B 176 -5.87 -28.76 -1.74
CA ASP B 176 -4.84 -28.61 -2.77
C ASP B 176 -3.56 -27.99 -2.21
N ALA B 177 -3.69 -27.22 -1.14
CA ALA B 177 -2.51 -26.60 -0.53
C ALA B 177 -2.71 -26.34 0.95
N LEU B 178 -1.59 -26.21 1.66
CA LEU B 178 -1.61 -25.92 3.08
C LEU B 178 -0.69 -24.74 3.34
N VAL B 179 -1.11 -23.88 4.26
CA VAL B 179 -0.32 -22.74 4.67
C VAL B 179 -0.29 -22.85 6.19
N SER B 180 0.85 -22.57 6.80
CA SER B 180 0.93 -22.63 8.25
C SER B 180 2.09 -21.77 8.72
N ALA B 181 1.80 -20.84 9.63
CA ALA B 181 2.87 -19.97 10.11
C ALA B 181 2.93 -19.95 11.63
N PHE B 182 4.11 -20.25 12.16
CA PHE B 182 4.36 -20.25 13.60
C PHE B 182 3.42 -21.09 14.44
N CYS B 183 2.97 -22.22 13.90
CA CYS B 183 2.07 -23.07 14.66
C CYS B 183 2.75 -24.30 15.26
N LEU B 184 3.19 -25.22 14.41
CA LEU B 184 3.81 -26.46 14.89
C LEU B 184 4.89 -26.33 15.95
N GLU B 185 5.91 -25.53 15.70
CA GLU B 185 6.98 -25.43 16.68
C GLU B 185 6.52 -24.75 17.97
N ALA B 186 5.47 -23.94 17.85
CA ALA B 186 4.91 -23.20 18.98
C ALA B 186 3.92 -24.02 19.83
N VAL B 187 3.60 -25.23 19.38
CA VAL B 187 2.66 -26.05 20.13
C VAL B 187 3.19 -27.46 20.36
N SER B 188 4.42 -27.71 19.93
CA SER B 188 5.02 -29.02 20.09
C SER B 188 6.07 -28.97 21.19
N PRO B 189 5.97 -29.86 22.18
CA PRO B 189 6.91 -29.93 23.29
C PRO B 189 8.33 -30.22 22.84
N ASP B 190 8.46 -31.02 21.78
CA ASP B 190 9.78 -31.39 21.27
C ASP B 190 9.77 -31.73 19.79
N LEU B 191 10.95 -31.98 19.25
CA LEU B 191 11.10 -32.31 17.83
C LEU B 191 10.23 -33.47 17.40
N ALA B 192 10.14 -34.50 18.24
CA ALA B 192 9.36 -35.68 17.92
C ALA B 192 7.88 -35.34 17.80
N SER B 193 7.44 -34.39 18.61
CA SER B 193 6.05 -33.94 18.60
C SER B 193 5.82 -33.09 17.33
N PHE B 194 6.81 -32.30 16.98
CA PHE B 194 6.78 -31.43 15.80
C PHE B 194 6.60 -32.33 14.56
N GLN B 195 7.33 -33.44 14.57
CA GLN B 195 7.31 -34.41 13.48
C GLN B 195 5.92 -35.05 13.39
N ARG B 196 5.38 -35.48 14.53
CA ARG B 196 4.06 -36.09 14.52
C ARG B 196 3.02 -35.09 14.04
N ALA B 197 3.07 -33.87 14.58
CA ALA B 197 2.13 -32.83 14.19
C ALA B 197 2.21 -32.62 12.68
N LEU B 198 3.42 -32.62 12.15
CA LEU B 198 3.60 -32.44 10.71
C LEU B 198 2.95 -33.57 9.92
N ASP B 199 3.12 -34.82 10.37
CA ASP B 199 2.50 -35.95 9.67
C ASP B 199 0.98 -35.82 9.69
N HIS B 200 0.45 -35.39 10.83
CA HIS B 200 -0.99 -35.21 11.00
C HIS B 200 -1.62 -34.22 10.02
N ILE B 201 -1.02 -33.03 9.87
CA ILE B 201 -1.58 -32.07 8.95
C ILE B 201 -1.36 -32.51 7.51
N THR B 202 -0.28 -33.25 7.28
CA THR B 202 0.05 -33.73 5.95
C THR B 202 -1.03 -34.65 5.38
N THR B 203 -1.85 -35.23 6.25
CA THR B 203 -2.92 -36.11 5.79
C THR B 203 -4.07 -35.31 5.21
N LEU B 204 -4.02 -34.00 5.38
CA LEU B 204 -5.06 -33.13 4.86
C LEU B 204 -4.71 -32.62 3.46
N LEU B 205 -3.48 -32.91 3.03
CA LEU B 205 -2.97 -32.47 1.73
C LEU B 205 -2.92 -33.58 0.68
N ARG B 206 -3.48 -33.30 -0.49
CA ARG B 206 -3.51 -34.30 -1.57
C ARG B 206 -2.11 -34.56 -2.09
N PRO B 207 -1.86 -35.79 -2.55
CA PRO B 207 -0.53 -36.12 -3.07
C PRO B 207 -0.23 -35.11 -4.17
N GLY B 208 0.98 -34.56 -4.18
CA GLY B 208 1.32 -33.58 -5.19
C GLY B 208 0.95 -32.17 -4.76
N GLY B 209 0.27 -32.04 -3.62
CA GLY B 209 -0.11 -30.73 -3.13
C GLY B 209 1.08 -29.97 -2.57
N HIS B 210 0.87 -28.70 -2.23
CA HIS B 210 1.94 -27.85 -1.71
C HIS B 210 1.72 -27.35 -0.30
N LEU B 211 2.81 -27.28 0.46
CA LEU B 211 2.78 -26.78 1.83
C LEU B 211 3.73 -25.59 1.96
N LEU B 212 3.21 -24.46 2.42
CA LEU B 212 4.01 -23.26 2.64
C LEU B 212 4.09 -23.13 4.15
N LEU B 213 5.26 -23.43 4.70
CA LEU B 213 5.43 -23.41 6.14
C LEU B 213 6.37 -22.29 6.58
N ILE B 214 5.93 -21.50 7.55
CA ILE B 214 6.74 -20.42 8.11
C ILE B 214 6.84 -20.72 9.59
N GLY B 215 8.03 -20.53 10.16
CA GLY B 215 8.19 -20.80 11.58
C GLY B 215 9.41 -20.16 12.20
N ALA B 216 9.50 -20.23 13.53
CA ALA B 216 10.62 -19.63 14.25
C ALA B 216 11.78 -20.61 14.35
N LEU B 217 12.99 -20.10 14.15
CA LEU B 217 14.19 -20.92 14.26
C LEU B 217 14.85 -20.64 15.61
N GLU B 218 15.27 -21.71 16.28
CA GLU B 218 15.95 -21.61 17.57
C GLU B 218 15.24 -20.69 18.56
N GLU B 219 13.96 -20.95 18.80
CA GLU B 219 13.18 -20.14 19.73
C GLU B 219 12.67 -21.01 20.87
N SER B 220 12.67 -20.50 22.10
CA SER B 220 12.19 -21.29 23.22
C SER B 220 10.95 -20.70 23.89
N TRP B 221 10.66 -19.43 23.64
CA TRP B 221 9.46 -18.81 24.23
C TRP B 221 9.05 -17.54 23.52
N TYR B 222 7.79 -17.17 23.70
CA TYR B 222 7.26 -15.94 23.13
C TYR B 222 6.08 -15.56 24.02
N LEU B 223 5.82 -14.25 24.14
CA LEU B 223 4.74 -13.77 24.97
C LEU B 223 3.47 -13.43 24.21
N ALA B 224 2.34 -13.65 24.86
CA ALA B 224 1.02 -13.36 24.29
C ALA B 224 0.18 -12.83 25.44
N GLY B 225 0.59 -11.69 25.98
CA GLY B 225 -0.12 -11.10 27.10
C GLY B 225 0.46 -11.64 28.39
N GLU B 226 -0.39 -12.21 29.24
CA GLU B 226 0.07 -12.77 30.51
C GLU B 226 0.78 -14.09 30.27
N ALA B 227 0.50 -14.71 29.13
CA ALA B 227 1.09 -16.00 28.79
C ALA B 227 2.47 -15.95 28.12
N ARG B 228 3.38 -16.74 28.67
CA ARG B 228 4.74 -16.89 28.16
C ARG B 228 4.70 -18.33 27.65
N LEU B 229 4.57 -18.52 26.35
CA LEU B 229 4.46 -19.86 25.80
C LEU B 229 5.79 -20.50 25.42
N THR B 230 5.85 -21.81 25.63
CA THR B 230 7.04 -22.59 25.34
C THR B 230 7.11 -22.97 23.86
N VAL B 231 8.32 -22.89 23.30
CA VAL B 231 8.52 -23.23 21.90
C VAL B 231 9.68 -24.20 21.78
N VAL B 232 9.58 -25.14 20.86
CA VAL B 232 10.66 -26.10 20.67
C VAL B 232 11.65 -25.46 19.71
N PRO B 233 12.89 -25.24 20.15
CA PRO B 233 13.88 -24.64 19.27
C PRO B 233 14.30 -25.62 18.18
N VAL B 234 14.07 -25.26 16.93
CA VAL B 234 14.44 -26.12 15.80
C VAL B 234 15.40 -25.39 14.87
N SER B 235 16.19 -26.16 14.13
CA SER B 235 17.16 -25.60 13.19
C SER B 235 16.65 -25.80 11.77
N GLU B 236 17.27 -25.14 10.80
CA GLU B 236 16.84 -25.29 9.42
C GLU B 236 16.95 -26.76 9.03
N GLU B 237 18.07 -27.39 9.39
CA GLU B 237 18.29 -28.82 9.10
C GLU B 237 17.17 -29.70 9.63
N GLU B 238 16.78 -29.48 10.88
CA GLU B 238 15.71 -30.26 11.48
C GLU B 238 14.39 -30.06 10.72
N VAL B 239 14.11 -28.83 10.32
CA VAL B 239 12.90 -28.56 9.57
C VAL B 239 12.97 -29.29 8.22
N ARG B 240 14.12 -29.21 7.56
CA ARG B 240 14.27 -29.88 6.27
C ARG B 240 14.04 -31.36 6.47
N GLU B 241 14.70 -31.93 7.48
N GLU B 241 14.71 -31.90 7.48
CA GLU B 241 14.59 -33.35 7.75
CA GLU B 241 14.62 -33.31 7.83
C GLU B 241 13.16 -33.78 8.05
C GLU B 241 13.19 -33.76 8.07
N ALA B 242 12.45 -32.98 8.84
CA ALA B 242 11.06 -33.31 9.16
C ALA B 242 10.19 -33.35 7.91
N LEU B 243 10.38 -32.38 7.03
CA LEU B 243 9.60 -32.33 5.79
C LEU B 243 9.87 -33.58 4.97
N VAL B 244 11.14 -33.92 4.77
CA VAL B 244 11.51 -35.11 4.01
C VAL B 244 10.88 -36.34 4.68
N ARG B 245 10.99 -36.38 6.01
CA ARG B 245 10.46 -37.46 6.82
C ARG B 245 8.94 -37.62 6.67
N SER B 246 8.23 -36.51 6.49
CA SER B 246 6.78 -36.59 6.33
C SER B 246 6.37 -36.89 4.89
N GLY B 247 7.35 -37.02 4.01
CA GLY B 247 7.04 -37.34 2.61
C GLY B 247 6.94 -36.18 1.64
N TYR B 248 7.72 -35.13 1.90
CA TYR B 248 7.72 -33.95 1.04
C TYR B 248 9.03 -33.82 0.30
N LYS B 249 8.97 -33.08 -0.79
CA LYS B 249 10.16 -32.77 -1.58
C LYS B 249 10.33 -31.30 -1.23
N VAL B 250 11.47 -30.94 -0.65
CA VAL B 250 11.68 -29.54 -0.31
C VAL B 250 12.04 -28.79 -1.58
N ARG B 251 11.17 -27.87 -1.98
CA ARG B 251 11.38 -27.07 -3.18
C ARG B 251 12.18 -25.81 -2.88
N ASP B 252 12.01 -25.29 -1.67
CA ASP B 252 12.70 -24.07 -1.27
C ASP B 252 12.64 -23.98 0.25
N LEU B 253 13.74 -23.54 0.85
CA LEU B 253 13.83 -23.39 2.29
C LEU B 253 14.78 -22.23 2.59
N ARG B 254 14.22 -21.09 2.98
CA ARG B 254 15.01 -19.90 3.28
C ARG B 254 15.00 -19.57 4.78
N THR B 255 16.05 -18.89 5.22
CA THR B 255 16.18 -18.49 6.60
C THR B 255 16.39 -16.99 6.74
N TYR B 256 15.64 -16.39 7.67
CA TYR B 256 15.77 -14.97 7.94
C TYR B 256 16.40 -14.87 9.33
N ILE B 257 17.48 -14.13 9.44
CA ILE B 257 18.16 -13.94 10.70
C ILE B 257 17.59 -12.68 11.35
N MET B 258 16.98 -12.87 12.52
CA MET B 258 16.35 -11.77 13.23
C MET B 258 17.36 -10.71 13.64
N PRO B 259 17.16 -9.47 13.20
CA PRO B 259 18.06 -8.35 13.54
C PRO B 259 17.88 -7.92 14.99
N ALA B 260 18.98 -7.51 15.62
CA ALA B 260 18.95 -7.09 17.01
C ALA B 260 17.84 -6.06 17.23
N HIS B 261 17.68 -5.15 16.28
CA HIS B 261 16.67 -4.11 16.36
C HIS B 261 15.25 -4.65 16.46
N LEU B 262 15.03 -5.87 15.98
CA LEU B 262 13.69 -6.44 16.03
C LEU B 262 13.51 -7.45 17.15
N GLN B 263 14.54 -7.58 17.99
CA GLN B 263 14.45 -8.47 19.14
C GLN B 263 13.94 -7.67 20.32
N THR B 264 12.62 -7.52 20.40
N THR B 264 12.62 -7.54 20.41
CA THR B 264 11.98 -6.68 21.43
CA THR B 264 12.03 -6.86 21.53
C THR B 264 11.56 -7.25 22.80
C THR B 264 12.05 -7.94 22.60
N GLY B 265 12.15 -8.35 23.23
N GLY B 265 11.53 -7.65 23.78
CA GLY B 265 11.79 -8.90 24.53
CA GLY B 265 11.53 -8.67 24.83
C GLY B 265 10.57 -9.82 24.53
C GLY B 265 10.29 -9.55 24.72
N VAL B 266 9.70 -9.66 23.53
CA VAL B 266 8.51 -10.47 23.39
C VAL B 266 8.79 -11.95 23.10
N ASP B 267 10.07 -12.26 22.83
CA ASP B 267 10.49 -13.64 22.56
C ASP B 267 12.02 -13.73 22.46
N ASP B 268 12.53 -14.93 22.25
CA ASP B 268 13.97 -15.13 22.09
C ASP B 268 14.28 -15.74 20.73
N VAL B 269 13.44 -15.44 19.75
CA VAL B 269 13.61 -15.98 18.41
C VAL B 269 14.92 -15.50 17.79
N LYS B 270 15.61 -16.40 17.07
CA LYS B 270 16.87 -16.05 16.43
C LYS B 270 16.73 -15.94 14.93
N GLY B 271 15.71 -16.60 14.39
CA GLY B 271 15.50 -16.56 12.96
C GLY B 271 14.13 -17.06 12.60
N VAL B 272 13.78 -16.92 11.33
CA VAL B 272 12.50 -17.37 10.82
C VAL B 272 12.81 -18.17 9.58
N PHE B 273 12.08 -19.26 9.38
CA PHE B 273 12.29 -20.09 8.21
C PHE B 273 11.05 -20.08 7.35
N PHE B 274 11.27 -20.28 6.05
CA PHE B 274 10.18 -20.36 5.11
C PHE B 274 10.44 -21.58 4.26
N ALA B 275 9.53 -22.53 4.33
CA ALA B 275 9.70 -23.74 3.56
C ALA B 275 8.58 -23.93 2.56
N TRP B 276 8.96 -24.22 1.32
CA TRP B 276 7.99 -24.52 0.27
C TRP B 276 8.27 -25.99 -0.04
N ALA B 277 7.31 -26.84 0.31
CA ALA B 277 7.47 -28.28 0.12
C ALA B 277 6.27 -28.85 -0.61
N GLN B 278 6.54 -29.82 -1.49
CA GLN B 278 5.50 -30.47 -2.27
C GLN B 278 5.37 -31.93 -1.85
N LYS B 279 4.14 -32.37 -1.61
CA LYS B 279 3.89 -33.74 -1.19
C LYS B 279 4.10 -34.69 -2.35
N VAL B 280 4.90 -35.73 -2.14
CA VAL B 280 5.19 -36.70 -3.18
C VAL B 280 3.98 -37.55 -3.57
N GLY B 281 3.69 -37.57 -4.86
CA GLY B 281 2.57 -38.33 -5.36
C GLY B 281 2.95 -39.78 -5.63
#